data_6UEI
#
_entry.id   6UEI
#
_cell.length_a   124.350
_cell.length_b   124.350
_cell.length_c   43.040
_cell.angle_alpha   90.000
_cell.angle_beta   90.000
_cell.angle_gamma   120.000
#
_symmetry.space_group_name_H-M   'P 65'
#
loop_
_entity.id
_entity.type
_entity.pdbx_description
1 polymer 'Zinc finger CCCH-type antiviral protein 1'
2 non-polymer 'ZINC ION'
3 water water
#
_entity_poly.entity_id   1
_entity_poly.type   'polypeptide(L)'
_entity_poly.pdbx_seq_one_letter_code
;SNAADPEVCCFITKILCAHGGRMALDALLQEIALSEPQLCEVLQVAGPDRFVVLETGGEAGITRSVVATTRARVCRRKYC
QRPCDNLHLCKLNLLGRCNYSQSERNLCKYSHEVLSEENFKVLKNHELSGLNKEELAVLLLQSDPFFMPEICKSYKGEGR
QQICNQQPPCSRLHICDHFTRGNCRFPNCLRSHNLMDRKVLAIMREHGLNPDVVQNIQDICNSKHMQKN
;
_entity_poly.pdbx_strand_id   A
#
loop_
_chem_comp.id
_chem_comp.type
_chem_comp.name
_chem_comp.formula
ZN non-polymer 'ZINC ION' 'Zn 2'
#
# COMPACT_ATOMS: atom_id res chain seq x y z
N ASP A 5 11.21 -2.58 -20.13
CA ASP A 5 10.17 -1.93 -20.94
C ASP A 5 8.97 -1.51 -20.08
N PRO A 6 8.21 -0.46 -20.46
CA PRO A 6 7.01 -0.08 -19.67
C PRO A 6 5.89 -1.12 -19.80
N GLU A 7 5.71 -1.72 -20.99
CA GLU A 7 4.68 -2.73 -21.25
C GLU A 7 4.88 -4.01 -20.42
N VAL A 8 6.14 -4.31 -20.07
CA VAL A 8 6.52 -5.47 -19.26
C VAL A 8 6.16 -5.26 -17.78
N CYS A 9 6.61 -4.12 -17.20
CA CYS A 9 6.34 -3.73 -15.81
C CYS A 9 4.86 -3.78 -15.51
N CYS A 10 4.07 -3.06 -16.35
CA CYS A 10 2.62 -2.94 -16.32
C CYS A 10 1.95 -4.29 -16.27
N PHE A 11 2.49 -5.24 -17.03
CA PHE A 11 1.99 -6.59 -17.10
C PHE A 11 2.27 -7.38 -15.81
N ILE A 12 3.44 -7.17 -15.18
CA ILE A 12 3.80 -7.81 -13.91
C ILE A 12 2.87 -7.29 -12.80
N THR A 13 2.71 -5.94 -12.71
CA THR A 13 1.82 -5.26 -11.76
C THR A 13 0.44 -5.91 -11.82
N LYS A 14 -0.07 -6.03 -13.03
CA LYS A 14 -1.33 -6.67 -13.38
C LYS A 14 -1.39 -8.13 -12.82
N ILE A 15 -0.30 -8.97 -13.00
CA ILE A 15 -0.29 -10.36 -12.53
C ILE A 15 -0.34 -10.38 -11.03
N LEU A 16 0.55 -9.63 -10.37
CA LEU A 16 0.65 -9.52 -8.90
C LEU A 16 -0.69 -9.13 -8.27
N CYS A 17 -1.33 -8.02 -8.76
CA CYS A 17 -2.62 -7.52 -8.28
C CYS A 17 -3.74 -8.50 -8.47
N ALA A 18 -3.64 -9.34 -9.50
CA ALA A 18 -4.61 -10.39 -9.80
C ALA A 18 -4.47 -11.57 -8.84
N HIS A 19 -3.35 -11.65 -8.09
CA HIS A 19 -3.08 -12.69 -7.09
C HIS A 19 -3.03 -12.12 -5.65
N GLY A 20 -3.63 -10.93 -5.47
CA GLY A 20 -3.73 -10.25 -4.18
C GLY A 20 -2.62 -9.29 -3.79
N GLY A 21 -1.84 -8.84 -4.78
CA GLY A 21 -0.75 -7.89 -4.59
C GLY A 21 0.60 -8.49 -4.28
N ARG A 22 0.66 -9.84 -4.12
CA ARG A 22 1.89 -10.57 -3.82
C ARG A 22 1.94 -11.94 -4.53
N MET A 23 3.16 -12.36 -4.96
CA MET A 23 3.44 -13.65 -5.59
C MET A 23 4.84 -14.10 -5.25
N ALA A 24 5.05 -15.42 -5.17
CA ALA A 24 6.38 -15.97 -4.96
C ALA A 24 6.98 -16.04 -6.36
N LEU A 25 8.26 -15.65 -6.52
CA LEU A 25 8.98 -15.58 -7.80
C LEU A 25 8.68 -16.76 -8.75
N ASP A 26 8.52 -17.98 -8.19
CA ASP A 26 8.20 -19.21 -8.94
C ASP A 26 6.86 -19.13 -9.65
N ALA A 27 5.82 -18.68 -8.93
CA ALA A 27 4.45 -18.53 -9.45
C ALA A 27 4.39 -17.42 -10.50
N LEU A 28 5.19 -16.36 -10.31
CA LEU A 28 5.25 -15.22 -11.24
C LEU A 28 5.88 -15.64 -12.56
N LEU A 29 7.04 -16.36 -12.52
CA LEU A 29 7.77 -16.88 -13.67
C LEU A 29 6.89 -17.77 -14.56
N GLN A 30 6.03 -18.60 -13.91
CA GLN A 30 5.05 -19.49 -14.54
C GLN A 30 3.79 -18.73 -15.07
N GLU A 31 3.89 -17.37 -15.27
CA GLU A 31 2.82 -16.49 -15.78
C GLU A 31 3.41 -15.43 -16.74
N ILE A 32 4.57 -14.85 -16.38
CA ILE A 32 5.23 -13.80 -17.15
C ILE A 32 5.98 -14.35 -18.39
N ALA A 33 6.55 -15.58 -18.29
CA ALA A 33 7.27 -16.27 -19.38
C ALA A 33 8.62 -15.61 -19.74
N LEU A 34 9.41 -15.34 -18.71
CA LEU A 34 10.76 -14.81 -18.81
C LEU A 34 11.63 -15.76 -17.97
N SER A 35 12.95 -15.59 -18.03
CA SER A 35 13.88 -16.40 -17.24
C SER A 35 14.12 -15.67 -15.92
N GLU A 36 14.55 -16.39 -14.86
CA GLU A 36 14.82 -15.77 -13.57
C GLU A 36 15.73 -14.52 -13.73
N PRO A 37 16.89 -14.57 -14.45
CA PRO A 37 17.68 -13.33 -14.61
C PRO A 37 16.98 -12.24 -15.44
N GLN A 38 16.09 -12.63 -16.40
CA GLN A 38 15.33 -11.67 -17.21
C GLN A 38 14.35 -10.90 -16.33
N LEU A 39 13.56 -11.64 -15.52
CA LEU A 39 12.57 -11.10 -14.58
C LEU A 39 13.24 -10.24 -13.49
N CYS A 40 14.38 -10.70 -12.92
CA CYS A 40 15.11 -9.98 -11.88
C CYS A 40 15.69 -8.67 -12.38
N GLU A 41 16.11 -8.63 -13.65
CA GLU A 41 16.66 -7.42 -14.29
C GLU A 41 15.51 -6.39 -14.42
N VAL A 42 14.30 -6.88 -14.79
CA VAL A 42 13.10 -6.03 -14.92
C VAL A 42 12.72 -5.42 -13.56
N LEU A 43 12.57 -6.27 -12.53
CA LEU A 43 12.23 -5.90 -11.17
C LEU A 43 13.18 -4.84 -10.57
N GLN A 44 14.51 -5.08 -10.66
CA GLN A 44 15.55 -4.19 -10.15
C GLN A 44 15.66 -2.82 -10.84
N VAL A 45 15.42 -2.76 -12.16
CA VAL A 45 15.48 -1.52 -12.93
C VAL A 45 14.25 -0.66 -12.65
N ALA A 46 13.07 -1.31 -12.51
CA ALA A 46 11.79 -0.68 -12.20
C ALA A 46 11.87 0.04 -10.85
N GLY A 47 12.52 -0.60 -9.88
CA GLY A 47 12.75 -0.03 -8.56
C GLY A 47 11.74 -0.41 -7.49
N PRO A 48 12.08 -0.13 -6.22
CA PRO A 48 11.17 -0.46 -5.10
C PRO A 48 9.90 0.40 -5.04
N ASP A 49 9.80 1.42 -5.91
CA ASP A 49 8.62 2.27 -6.06
C ASP A 49 7.59 1.62 -7.00
N ARG A 50 7.89 0.39 -7.50
CA ARG A 50 6.99 -0.41 -8.34
C ARG A 50 6.91 -1.86 -7.85
N PHE A 51 8.07 -2.44 -7.48
CA PHE A 51 8.18 -3.84 -7.03
C PHE A 51 9.14 -3.96 -5.86
N VAL A 52 8.72 -4.71 -4.84
CA VAL A 52 9.50 -4.93 -3.63
C VAL A 52 9.77 -6.43 -3.57
N VAL A 53 11.07 -6.76 -3.62
CA VAL A 53 11.52 -8.15 -3.62
C VAL A 53 11.98 -8.52 -2.22
N LEU A 54 11.47 -9.64 -1.68
CA LEU A 54 11.84 -10.08 -0.34
C LEU A 54 12.12 -11.58 -0.21
N GLU A 55 13.05 -11.93 0.69
CA GLU A 55 13.44 -13.33 0.93
C GLU A 55 12.84 -13.86 2.25
N THR A 56 11.77 -14.70 2.12
CA THR A 56 11.04 -15.31 3.25
C THR A 56 10.73 -16.78 2.95
N ILE A 62 15.27 -17.04 1.81
CA ILE A 62 15.50 -18.17 0.92
C ILE A 62 14.44 -18.26 -0.18
N THR A 63 13.14 -18.14 0.20
CA THR A 63 11.98 -18.17 -0.72
C THR A 63 11.66 -16.74 -1.20
N ARG A 64 12.12 -16.39 -2.42
CA ARG A 64 11.92 -15.08 -3.03
C ARG A 64 10.45 -14.78 -3.35
N SER A 65 9.99 -13.58 -2.92
CA SER A 65 8.63 -13.07 -3.11
C SER A 65 8.65 -11.65 -3.66
N VAL A 66 7.62 -11.30 -4.46
CA VAL A 66 7.44 -9.97 -5.06
C VAL A 66 6.12 -9.36 -4.60
N VAL A 67 6.17 -8.07 -4.21
CA VAL A 67 5.04 -7.26 -3.77
C VAL A 67 4.92 -6.03 -4.69
N ALA A 68 3.72 -5.81 -5.23
CA ALA A 68 3.38 -4.69 -6.11
C ALA A 68 3.10 -3.44 -5.29
N THR A 69 3.64 -2.30 -5.77
CA THR A 69 3.46 -1.00 -5.13
C THR A 69 3.43 0.11 -6.20
N THR A 70 3.11 1.36 -5.78
CA THR A 70 2.99 2.52 -6.66
C THR A 70 3.24 3.81 -5.90
N ARG A 71 3.55 4.87 -6.65
CA ARG A 71 3.72 6.21 -6.12
C ARG A 71 2.40 6.98 -6.29
N ALA A 72 1.37 6.34 -6.93
CA ALA A 72 0.04 6.93 -7.13
C ALA A 72 -0.72 7.02 -5.82
N ARG A 73 -1.40 8.15 -5.64
CA ARG A 73 -2.10 8.47 -4.40
C ARG A 73 -3.48 9.02 -4.61
N VAL A 74 -4.36 8.72 -3.67
CA VAL A 74 -5.72 9.17 -3.63
C VAL A 74 -5.72 10.56 -2.96
N CYS A 75 -6.48 11.52 -3.53
CA CYS A 75 -6.63 12.87 -3.00
C CYS A 75 -7.27 12.77 -1.62
N ARG A 76 -6.67 13.44 -0.62
CA ARG A 76 -7.12 13.43 0.76
C ARG A 76 -8.10 14.57 1.11
N ARG A 77 -8.20 15.62 0.24
CA ARG A 77 -9.10 16.76 0.40
C ARG A 77 -10.56 16.35 0.19
N LYS A 78 -11.46 16.99 0.94
CA LYS A 78 -12.92 16.83 0.89
C LYS A 78 -13.44 17.51 -0.39
N TYR A 79 -13.09 18.81 -0.56
CA TYR A 79 -13.48 19.62 -1.71
C TYR A 79 -12.22 20.12 -2.36
N CYS A 80 -11.71 19.33 -3.29
CA CYS A 80 -10.48 19.59 -3.98
C CYS A 80 -10.63 20.47 -5.23
N GLN A 81 -9.92 21.61 -5.22
CA GLN A 81 -9.89 22.58 -6.32
C GLN A 81 -8.91 22.12 -7.37
N ARG A 82 -9.43 21.83 -8.56
CA ARG A 82 -8.72 21.36 -9.73
C ARG A 82 -7.82 22.45 -10.34
N PRO A 83 -6.70 22.09 -11.01
CA PRO A 83 -6.19 20.73 -11.26
C PRO A 83 -5.46 20.12 -10.06
N CYS A 84 -5.57 18.78 -9.95
CA CYS A 84 -4.95 17.98 -8.90
C CYS A 84 -4.39 16.71 -9.55
N ASP A 85 -3.15 16.34 -9.19
CA ASP A 85 -2.45 15.19 -9.77
C ASP A 85 -2.76 13.86 -9.11
N ASN A 86 -3.63 13.85 -8.10
CA ASN A 86 -4.03 12.64 -7.38
C ASN A 86 -5.31 12.01 -7.94
N LEU A 87 -5.60 10.76 -7.51
CA LEU A 87 -6.82 10.04 -7.91
C LEU A 87 -7.96 10.57 -7.10
N HIS A 88 -9.16 10.67 -7.69
CA HIS A 88 -10.33 11.14 -6.95
C HIS A 88 -11.34 10.03 -6.84
N LEU A 89 -11.41 9.44 -5.65
CA LEU A 89 -12.32 8.34 -5.38
C LEU A 89 -12.71 8.27 -3.92
N CYS A 90 -13.66 7.36 -3.60
CA CYS A 90 -14.12 7.14 -2.24
C CYS A 90 -13.26 6.11 -1.52
N LYS A 91 -12.52 6.55 -0.49
CA LYS A 91 -11.64 5.73 0.36
C LYS A 91 -12.46 4.63 1.02
N LEU A 92 -13.61 5.01 1.61
CA LEU A 92 -14.53 4.13 2.35
C LEU A 92 -15.10 3.04 1.48
N ASN A 93 -15.42 3.38 0.22
CA ASN A 93 -15.95 2.43 -0.75
C ASN A 93 -14.94 1.32 -1.05
N LEU A 94 -13.64 1.67 -1.12
CA LEU A 94 -12.56 0.71 -1.38
C LEU A 94 -12.27 -0.22 -0.19
N LEU A 95 -12.55 0.28 1.03
CA LEU A 95 -12.42 -0.42 2.32
C LEU A 95 -13.69 -1.26 2.65
N GLY A 96 -14.70 -1.21 1.75
CA GLY A 96 -15.99 -1.90 1.87
C GLY A 96 -16.94 -1.33 2.90
N ARG A 97 -16.71 -0.06 3.29
CA ARG A 97 -17.46 0.68 4.30
C ARG A 97 -18.31 1.81 3.71
N CYS A 98 -18.62 1.75 2.40
CA CYS A 98 -19.49 2.76 1.78
C CYS A 98 -20.38 2.15 0.71
N ASN A 99 -21.66 1.99 1.10
CA ASN A 99 -22.73 1.39 0.31
C ASN A 99 -23.92 2.36 0.27
N TYR A 100 -24.03 3.21 1.31
CA TYR A 100 -25.06 4.23 1.48
C TYR A 100 -24.85 5.37 0.46
N LEU A 107 -25.89 10.97 1.77
CA LEU A 107 -25.20 10.46 0.58
C LEU A 107 -23.73 10.88 0.56
N CYS A 108 -22.88 9.98 -0.01
CA CYS A 108 -21.44 10.13 -0.19
C CYS A 108 -21.13 11.16 -1.29
N LYS A 109 -20.38 12.21 -0.90
CA LYS A 109 -19.93 13.30 -1.77
C LYS A 109 -18.68 12.94 -2.61
N TYR A 110 -18.10 11.71 -2.43
CA TYR A 110 -16.91 11.24 -3.17
C TYR A 110 -17.27 10.35 -4.36
N SER A 111 -16.40 10.33 -5.38
CA SER A 111 -16.62 9.56 -6.60
C SER A 111 -16.46 8.06 -6.44
N HIS A 112 -17.49 7.31 -6.83
CA HIS A 112 -17.47 5.85 -6.78
C HIS A 112 -17.01 5.28 -8.13
N GLU A 113 -16.80 6.18 -9.12
CA GLU A 113 -16.32 5.85 -10.46
C GLU A 113 -14.80 5.79 -10.37
N VAL A 114 -14.25 4.60 -10.18
CA VAL A 114 -12.81 4.38 -10.01
C VAL A 114 -12.05 4.74 -11.29
N LEU A 115 -12.47 4.20 -12.44
CA LEU A 115 -11.81 4.48 -13.71
C LEU A 115 -12.42 5.66 -14.46
N SER A 116 -12.65 6.78 -13.76
CA SER A 116 -13.17 8.02 -14.34
C SER A 116 -12.15 8.64 -15.33
N GLU A 117 -12.58 9.65 -16.13
CA GLU A 117 -11.76 10.35 -17.13
C GLU A 117 -10.51 10.94 -16.48
N GLU A 118 -10.71 11.69 -15.39
CA GLU A 118 -9.65 12.36 -14.64
C GLU A 118 -8.68 11.37 -13.99
N ASN A 119 -9.19 10.21 -13.50
CA ASN A 119 -8.35 9.18 -12.87
C ASN A 119 -7.54 8.41 -13.83
N PHE A 120 -8.07 8.20 -15.05
CA PHE A 120 -7.40 7.53 -16.16
C PHE A 120 -6.14 8.33 -16.56
N LYS A 121 -6.24 9.68 -16.61
CA LYS A 121 -5.11 10.58 -16.88
C LYS A 121 -3.98 10.36 -15.85
N VAL A 122 -4.36 10.27 -14.56
CA VAL A 122 -3.44 10.05 -13.43
C VAL A 122 -2.77 8.68 -13.54
N LEU A 123 -3.57 7.66 -13.85
CA LEU A 123 -3.09 6.30 -13.99
C LEU A 123 -2.03 6.24 -15.09
N LYS A 124 -2.25 7.00 -16.18
CA LYS A 124 -1.35 7.13 -17.32
C LYS A 124 0.00 7.68 -16.89
N ASN A 125 0.02 8.69 -15.99
CA ASN A 125 1.28 9.26 -15.48
C ASN A 125 2.05 8.24 -14.64
N HIS A 126 1.35 7.31 -14.01
CA HIS A 126 1.97 6.30 -13.16
C HIS A 126 2.11 4.96 -13.85
N GLU A 127 1.75 4.90 -15.16
CA GLU A 127 1.79 3.71 -16.03
C GLU A 127 0.92 2.58 -15.44
N LEU A 128 -0.32 2.92 -15.08
CA LEU A 128 -1.26 1.98 -14.49
C LEU A 128 -2.62 1.96 -15.25
N SER A 129 -2.66 2.51 -16.49
CA SER A 129 -3.85 2.58 -17.36
C SER A 129 -4.38 1.20 -17.72
N GLY A 130 -3.49 0.20 -17.71
CA GLY A 130 -3.82 -1.16 -18.06
C GLY A 130 -4.75 -1.84 -17.08
N LEU A 131 -4.64 -1.45 -15.81
CA LEU A 131 -5.36 -1.98 -14.66
C LEU A 131 -6.86 -1.77 -14.71
N ASN A 132 -7.63 -2.75 -14.17
CA ASN A 132 -9.08 -2.62 -13.99
C ASN A 132 -9.32 -2.06 -12.54
N LYS A 133 -10.57 -1.83 -12.12
CA LYS A 133 -10.86 -1.24 -10.80
C LYS A 133 -10.49 -2.14 -9.59
N GLU A 134 -10.51 -3.48 -9.75
CA GLU A 134 -10.15 -4.46 -8.71
C GLU A 134 -8.63 -4.48 -8.50
N GLU A 135 -7.86 -4.54 -9.60
CA GLU A 135 -6.40 -4.52 -9.57
C GLU A 135 -5.91 -3.23 -8.97
N LEU A 136 -6.50 -2.09 -9.39
CA LEU A 136 -6.16 -0.76 -8.88
C LEU A 136 -6.39 -0.65 -7.37
N ALA A 137 -7.53 -1.18 -6.86
CA ALA A 137 -7.88 -1.16 -5.43
C ALA A 137 -6.89 -1.94 -4.59
N VAL A 138 -6.52 -3.17 -5.01
CA VAL A 138 -5.50 -4.04 -4.36
C VAL A 138 -4.23 -3.22 -4.19
N LEU A 139 -3.74 -2.64 -5.29
CA LEU A 139 -2.56 -1.79 -5.36
C LEU A 139 -2.60 -0.63 -4.40
N LEU A 140 -3.70 0.13 -4.39
CA LEU A 140 -3.82 1.30 -3.53
C LEU A 140 -3.91 0.96 -2.03
N LEU A 141 -4.69 -0.10 -1.67
CA LEU A 141 -4.87 -0.54 -0.28
C LEU A 141 -3.53 -0.82 0.40
N GLN A 142 -2.53 -1.29 -0.35
CA GLN A 142 -1.21 -1.60 0.21
C GLN A 142 -0.13 -0.55 -0.06
N SER A 143 -0.38 0.45 -0.93
CA SER A 143 0.63 1.45 -1.29
C SER A 143 0.36 2.84 -0.75
N ASP A 144 -0.92 3.23 -0.65
CA ASP A 144 -1.30 4.54 -0.17
C ASP A 144 -1.59 4.50 1.34
N PRO A 145 -0.74 5.21 2.18
CA PRO A 145 -0.93 5.17 3.64
C PRO A 145 -2.26 5.74 4.14
N PHE A 146 -2.95 6.47 3.26
CA PHE A 146 -4.27 7.07 3.48
C PHE A 146 -5.32 6.01 3.77
N PHE A 147 -5.11 4.76 3.33
CA PHE A 147 -6.04 3.65 3.53
C PHE A 147 -5.90 3.00 4.88
N MET A 148 -4.86 3.34 5.64
CA MET A 148 -4.65 2.81 6.98
C MET A 148 -5.49 3.51 8.06
N PRO A 149 -5.84 2.80 9.17
CA PRO A 149 -6.63 3.45 10.25
C PRO A 149 -5.85 4.62 10.83
N GLU A 150 -6.56 5.53 11.50
CA GLU A 150 -5.91 6.69 12.12
C GLU A 150 -5.04 6.20 13.29
N ILE A 151 -3.77 6.63 13.32
CA ILE A 151 -2.79 6.29 14.36
C ILE A 151 -3.01 7.25 15.55
N CYS A 152 -3.03 6.73 16.82
CA CYS A 152 -3.18 7.51 18.06
C CYS A 152 -2.21 8.69 18.06
N LYS A 153 -2.76 9.90 18.15
CA LYS A 153 -2.03 11.18 18.12
C LYS A 153 -1.15 11.37 19.37
N SER A 154 -1.55 10.75 20.51
CA SER A 154 -0.87 10.85 21.80
C SER A 154 0.09 9.67 22.09
N TYR A 155 0.42 8.86 21.05
CA TYR A 155 1.35 7.74 21.18
C TYR A 155 2.78 8.27 21.09
N LYS A 156 3.60 8.01 22.13
CA LYS A 156 4.98 8.49 22.26
C LYS A 156 6.06 7.39 22.18
N GLY A 157 5.63 6.14 22.20
CA GLY A 157 6.50 4.98 22.11
C GLY A 157 6.20 3.93 23.14
N GLU A 158 6.92 2.81 23.08
CA GLU A 158 6.74 1.75 24.05
C GLU A 158 7.74 1.94 25.21
N GLY A 159 7.66 1.07 26.21
CA GLY A 159 8.54 1.08 27.37
C GLY A 159 8.34 2.21 28.37
N ARG A 160 7.09 2.66 28.56
CA ARG A 160 6.74 3.72 29.52
C ARG A 160 5.33 3.47 30.08
N GLN A 161 4.96 4.20 31.14
CA GLN A 161 3.62 4.02 31.75
C GLN A 161 2.55 4.72 30.92
N GLN A 162 2.81 5.99 30.53
CA GLN A 162 1.90 6.77 29.69
C GLN A 162 2.31 6.61 28.22
N ILE A 163 1.77 5.55 27.56
CA ILE A 163 2.00 5.30 26.14
C ILE A 163 1.14 6.26 25.32
N CYS A 164 -0.11 6.50 25.80
CA CYS A 164 -1.10 7.45 25.27
C CYS A 164 -2.00 8.03 26.41
N ASN A 165 -2.92 8.96 26.07
CA ASN A 165 -3.77 9.64 27.04
C ASN A 165 -5.18 9.01 27.15
N GLN A 166 -5.26 7.71 27.45
CA GLN A 166 -6.53 6.99 27.57
C GLN A 166 -6.47 5.83 28.60
N GLN A 167 -7.56 5.03 28.67
CA GLN A 167 -7.70 3.88 29.57
C GLN A 167 -6.79 2.73 29.15
N CYS A 170 -6.79 2.04 24.25
CA CYS A 170 -7.09 3.04 23.22
C CYS A 170 -7.52 2.37 21.90
N SER A 171 -8.68 2.83 21.34
CA SER A 171 -9.31 2.32 20.11
C SER A 171 -8.52 2.57 18.80
N ARG A 172 -7.41 3.36 18.87
CA ARG A 172 -6.56 3.71 17.71
C ARG A 172 -5.26 2.90 17.66
N LEU A 173 -4.55 2.98 16.51
CA LEU A 173 -3.30 2.28 16.26
C LEU A 173 -2.16 2.85 17.06
N HIS A 174 -1.34 1.96 17.68
CA HIS A 174 -0.14 2.35 18.41
C HIS A 174 1.08 1.89 17.63
N ILE A 175 1.30 2.56 16.49
CA ILE A 175 2.35 2.33 15.51
C ILE A 175 3.08 3.65 15.27
N CYS A 176 4.32 3.55 14.76
CA CYS A 176 5.14 4.68 14.36
C CYS A 176 4.48 5.28 13.10
N ASP A 177 4.04 6.55 13.20
CA ASP A 177 3.39 7.28 12.10
C ASP A 177 4.37 7.53 10.97
N HIS A 178 5.63 7.82 11.30
CA HIS A 178 6.70 8.07 10.35
C HIS A 178 7.02 6.82 9.55
N PHE A 179 7.01 5.64 10.21
CA PHE A 179 7.28 4.33 9.59
C PHE A 179 6.29 4.00 8.45
N THR A 180 5.00 4.35 8.63
CA THR A 180 3.93 4.11 7.66
C THR A 180 4.09 5.01 6.41
N ARG A 181 4.69 6.20 6.59
CA ARG A 181 5.01 7.19 5.56
C ARG A 181 6.45 6.96 4.98
N GLY A 182 7.12 5.90 5.45
CA GLY A 182 8.47 5.54 5.01
C GLY A 182 9.55 6.55 5.35
N ASN A 183 9.34 7.38 6.40
CA ASN A 183 10.29 8.41 6.81
C ASN A 183 10.68 8.34 8.34
N CYS A 184 10.77 7.11 8.92
CA CYS A 184 11.26 6.97 10.30
C CYS A 184 12.78 6.94 10.22
N ARG A 185 13.40 8.10 10.51
CA ARG A 185 14.85 8.30 10.45
C ARG A 185 15.50 8.34 11.86
N PHE A 186 14.71 8.06 12.91
CA PHE A 186 15.11 8.06 14.33
C PHE A 186 16.01 6.87 14.66
N PRO A 187 17.22 7.15 15.23
CA PRO A 187 18.22 6.08 15.52
C PRO A 187 17.68 4.80 16.15
N ASN A 188 17.10 4.89 17.37
CA ASN A 188 16.56 3.71 18.03
C ASN A 188 15.10 3.98 18.38
N CYS A 189 14.22 3.93 17.36
CA CYS A 189 12.79 4.19 17.50
C CYS A 189 12.13 3.12 18.35
N LEU A 190 11.29 3.58 19.29
CA LEU A 190 10.59 2.74 20.25
C LEU A 190 9.09 2.59 19.91
N ARG A 191 8.58 3.43 18.97
CA ARG A 191 7.20 3.34 18.45
C ARG A 191 7.21 2.11 17.58
N SER A 192 6.20 1.25 17.75
CA SER A 192 6.09 -0.03 17.05
C SER A 192 6.09 0.09 15.54
N HIS A 193 6.78 -0.85 14.91
CA HIS A 193 6.87 -1.03 13.45
C HIS A 193 6.25 -2.37 13.11
N ASN A 194 5.52 -2.98 14.07
CA ASN A 194 4.91 -4.28 13.83
C ASN A 194 3.43 -4.16 13.61
N LEU A 195 3.05 -4.24 12.33
CA LEU A 195 1.66 -4.16 11.90
C LEU A 195 1.03 -5.54 11.96
N MET A 196 1.89 -6.59 12.12
CA MET A 196 1.47 -7.98 12.19
C MET A 196 1.02 -8.44 13.60
N ASP A 197 1.12 -7.53 14.59
CA ASP A 197 0.69 -7.70 15.97
C ASP A 197 -0.86 -7.95 15.98
N ARG A 198 -1.32 -8.99 16.71
CA ARG A 198 -2.73 -9.41 16.80
C ARG A 198 -3.72 -8.28 17.10
N LYS A 199 -3.33 -7.37 18.03
CA LYS A 199 -4.10 -6.21 18.42
C LYS A 199 -4.24 -5.23 17.24
N VAL A 200 -3.15 -5.02 16.47
CA VAL A 200 -3.09 -4.17 15.27
C VAL A 200 -3.96 -4.78 14.15
N LEU A 201 -3.78 -6.08 13.86
CA LEU A 201 -4.54 -6.81 12.84
C LEU A 201 -6.04 -6.72 13.07
N ALA A 202 -6.46 -6.69 14.34
CA ALA A 202 -7.85 -6.56 14.79
C ALA A 202 -8.43 -5.18 14.41
N ILE A 203 -7.62 -4.10 14.60
CA ILE A 203 -7.98 -2.71 14.25
C ILE A 203 -8.05 -2.60 12.72
N MET A 204 -7.09 -3.26 12.02
CA MET A 204 -7.00 -3.29 10.56
C MET A 204 -8.25 -3.92 9.97
N ARG A 205 -8.61 -5.14 10.45
CA ARG A 205 -9.79 -5.91 10.01
C ARG A 205 -11.07 -5.09 10.10
N GLU A 206 -11.22 -4.31 11.16
CA GLU A 206 -12.38 -3.44 11.40
C GLU A 206 -12.39 -2.27 10.41
N HIS A 207 -11.19 -1.76 10.05
CA HIS A 207 -11.04 -0.64 9.11
C HIS A 207 -11.27 -1.08 7.65
N GLY A 208 -11.14 -2.37 7.38
CA GLY A 208 -11.37 -2.96 6.06
C GLY A 208 -10.13 -3.53 5.41
N LEU A 209 -9.05 -3.76 6.18
CA LEU A 209 -7.78 -4.29 5.68
C LEU A 209 -7.52 -5.67 6.26
N ASN A 210 -7.55 -6.71 5.42
CA ASN A 210 -7.35 -8.10 5.85
C ASN A 210 -5.85 -8.38 6.17
N PRO A 211 -5.51 -9.47 6.92
CA PRO A 211 -4.09 -9.72 7.29
C PRO A 211 -3.09 -9.89 6.15
N ASP A 212 -3.55 -10.33 4.97
CA ASP A 212 -2.70 -10.51 3.79
C ASP A 212 -2.31 -9.15 3.22
N VAL A 213 -3.26 -8.18 3.24
CA VAL A 213 -3.05 -6.79 2.80
C VAL A 213 -2.04 -6.14 3.75
N VAL A 214 -2.23 -6.36 5.09
CA VAL A 214 -1.36 -5.80 6.14
C VAL A 214 0.04 -6.37 6.01
N GLN A 215 0.17 -7.65 5.64
CA GLN A 215 1.47 -8.26 5.41
C GLN A 215 2.22 -7.55 4.25
N ASN A 216 1.50 -7.19 3.18
CA ASN A 216 2.04 -6.45 2.04
C ASN A 216 2.46 -5.04 2.47
N ILE A 217 1.60 -4.32 3.21
CA ILE A 217 1.90 -3.00 3.79
C ILE A 217 3.17 -3.09 4.62
N GLN A 218 3.23 -4.09 5.55
CA GLN A 218 4.39 -4.35 6.40
C GLN A 218 5.68 -4.46 5.58
N ASP A 219 5.70 -5.31 4.51
CA ASP A 219 6.90 -5.52 3.70
C ASP A 219 7.32 -4.30 2.83
N ILE A 220 6.36 -3.50 2.33
CA ILE A 220 6.60 -2.28 1.55
C ILE A 220 7.24 -1.26 2.50
N CYS A 221 6.66 -1.13 3.73
CA CYS A 221 7.14 -0.26 4.80
C CYS A 221 8.53 -0.66 5.29
N ASN A 222 8.80 -1.97 5.41
CA ASN A 222 10.12 -2.51 5.77
C ASN A 222 11.15 -2.13 4.69
N SER A 223 10.75 -2.19 3.40
CA SER A 223 11.59 -1.82 2.24
C SER A 223 11.92 -0.32 2.25
N LYS A 224 10.89 0.55 2.45
CA LYS A 224 11.00 2.02 2.48
C LYS A 224 11.91 2.51 3.61
N HIS A 225 12.01 1.70 4.69
CA HIS A 225 12.80 1.95 5.89
C HIS A 225 14.30 1.73 5.65
N MET A 226 14.67 0.92 4.62
CA MET A 226 16.06 0.61 4.21
C MET A 226 16.67 1.76 3.37
N GLN A 227 15.86 2.37 2.51
CA GLN A 227 16.24 3.51 1.67
C GLN A 227 16.15 4.84 2.47
N LYS A 228 15.25 4.89 3.49
CA LYS A 228 14.99 6.03 4.38
C LYS A 228 14.21 5.56 5.63
ZN ZN B . -7.43 16.44 -5.58
ZN ZN C . -18.62 6.65 -0.88
ZN ZN D . 9.66 4.54 13.97
ZN ZN E . -3.89 5.62 22.14
#